data_5E4A
#
_entry.id   5E4A
#
_cell.length_a   43.210
_cell.length_b   85.990
_cell.length_c   63.820
_cell.angle_alpha   90.00
_cell.angle_beta   90.00
_cell.angle_gamma   90.00
#
_symmetry.space_group_name_H-M   'P 21 21 2'
#
loop_
_entity.id
_entity.type
_entity.pdbx_description
1 polymer Transthyretin
2 non-polymer '{[(2,7-dichloro-9H-fluoren-9-ylidene)amino]oxy}acetic acid'
3 water water
#
_entity_poly.entity_id   1
_entity_poly.type   'polypeptide(L)'
_entity_poly.pdbx_seq_one_letter_code
;CLAGLVFVSEAGPTGTGESKCPLMVKVLDAVRGSPAINVAVHVFRKAADDTWEPFASGKTSESGELHGLTTEEEFVEGIY
KVEIDTKSYWKALGISPFHEHAEVVFTANDSGPRRYTIAALLSPYSYSTTAVVTNPK
;
_entity_poly.pdbx_strand_id   A,B
#
# COMPACT_ATOMS: atom_id res chain seq x y z
N CYS A 21 22.96 -7.75 0.71
CA CYS A 21 21.56 -8.02 0.29
C CYS A 21 20.91 -6.61 0.20
N PRO A 22 20.75 -6.11 -1.03
CA PRO A 22 20.26 -4.75 -1.07
C PRO A 22 18.74 -4.60 -0.92
N LEU A 23 17.99 -5.66 -1.01
CA LEU A 23 16.51 -5.57 -0.84
C LEU A 23 16.03 -6.76 -0.10
N MET A 24 15.42 -6.57 1.07
N MET A 24 15.33 -6.57 1.02
CA MET A 24 14.81 -7.67 1.82
CA MET A 24 14.86 -7.64 1.86
C MET A 24 13.36 -7.27 2.12
C MET A 24 13.43 -7.31 2.28
N VAL A 25 12.51 -8.27 2.31
CA VAL A 25 11.09 -8.01 2.68
C VAL A 25 10.85 -8.84 3.86
N LYS A 26 10.19 -8.24 4.88
CA LYS A 26 9.85 -8.97 6.11
C LYS A 26 8.34 -8.83 6.37
N VAL A 27 7.64 -9.90 6.71
CA VAL A 27 6.17 -9.77 6.83
C VAL A 27 5.86 -10.46 8.15
N LEU A 28 5.03 -9.78 8.99
CA LEU A 28 4.60 -10.25 10.28
C LEU A 28 3.06 -10.30 10.37
N ASP A 29 2.55 -11.21 11.19
CA ASP A 29 1.11 -11.37 11.35
C ASP A 29 0.72 -10.84 12.71
N ALA A 30 -0.09 -9.78 12.76
CA ALA A 30 -0.50 -9.10 14.01
C ALA A 30 -1.63 -9.82 14.71
N VAL A 31 -2.25 -10.85 14.11
CA VAL A 31 -3.32 -11.63 14.78
C VAL A 31 -2.65 -12.70 15.60
N ARG A 32 -1.58 -13.32 15.08
N ARG A 32 -1.60 -13.36 15.06
CA ARG A 32 -0.94 -14.43 15.75
CA ARG A 32 -0.95 -14.46 15.75
C ARG A 32 0.32 -14.05 16.50
C ARG A 32 0.35 -14.07 16.44
N GLY A 33 0.90 -12.89 16.20
CA GLY A 33 2.20 -12.52 16.83
C GLY A 33 3.30 -13.39 16.30
N SER A 34 3.42 -13.53 14.97
CA SER A 34 4.34 -14.48 14.38
C SER A 34 4.81 -13.94 13.07
N PRO A 35 5.92 -14.44 12.53
N PRO A 35 5.87 -14.52 12.52
CA PRO A 35 6.17 -14.22 11.11
CA PRO A 35 6.17 -14.28 11.10
C PRO A 35 5.01 -14.70 10.23
C PRO A 35 5.02 -14.72 10.21
N ALA A 36 4.86 -14.01 9.10
CA ALA A 36 3.84 -14.45 8.10
C ALA A 36 4.63 -15.27 7.08
N ILE A 37 4.38 -16.59 7.12
CA ILE A 37 5.21 -17.48 6.31
CA ILE A 37 5.19 -17.55 6.35
C ILE A 37 4.56 -17.83 4.98
N ASN A 38 5.44 -18.02 3.98
CA ASN A 38 4.91 -18.48 2.65
CA ASN A 38 4.96 -18.44 2.60
C ASN A 38 4.06 -17.39 1.96
N VAL A 39 4.33 -16.12 2.25
CA VAL A 39 3.58 -15.03 1.57
C VAL A 39 4.34 -14.75 0.24
N ALA A 40 3.52 -14.68 -0.82
CA ALA A 40 4.10 -14.42 -2.12
C ALA A 40 4.38 -12.93 -2.26
N VAL A 41 5.50 -12.56 -2.85
CA VAL A 41 5.95 -11.15 -2.98
C VAL A 41 6.39 -10.98 -4.45
N HIS A 42 5.86 -9.98 -5.15
CA HIS A 42 6.28 -9.68 -6.50
C HIS A 42 6.91 -8.31 -6.55
N VAL A 43 8.05 -8.13 -7.14
CA VAL A 43 8.70 -6.82 -7.25
C VAL A 43 8.67 -6.39 -8.72
N PHE A 44 8.35 -5.15 -8.99
CA PHE A 44 8.33 -4.60 -10.32
C PHE A 44 9.17 -3.37 -10.36
N ARG A 45 9.65 -2.97 -11.55
CA ARG A 45 10.42 -1.74 -11.70
C ARG A 45 9.81 -0.92 -12.85
N LYS A 46 9.58 0.35 -12.66
CA LYS A 46 9.02 1.16 -13.73
CA LYS A 46 8.99 1.16 -13.73
C LYS A 46 10.01 1.35 -14.90
N ALA A 47 9.53 0.94 -16.10
CA ALA A 47 10.29 1.08 -17.35
C ALA A 47 10.15 2.55 -17.88
N ALA A 48 11.02 2.87 -18.86
CA ALA A 48 11.00 4.22 -19.43
C ALA A 48 9.69 4.51 -20.11
N ASP A 49 8.93 3.50 -20.56
CA ASP A 49 7.62 3.76 -21.15
C ASP A 49 6.50 3.80 -20.12
N ASP A 50 6.84 3.75 -18.84
CA ASP A 50 5.85 3.86 -17.73
C ASP A 50 5.20 2.57 -17.35
N THR A 51 5.61 1.47 -17.93
CA THR A 51 4.92 0.20 -17.53
C THR A 51 5.70 -0.42 -16.35
N TRP A 52 5.03 -1.25 -15.57
CA TRP A 52 5.72 -1.95 -14.50
C TRP A 52 6.28 -3.29 -15.00
N GLU A 53 7.60 -3.37 -15.08
N GLU A 53 7.57 -3.39 -15.06
CA GLU A 53 8.26 -4.60 -15.59
CA GLU A 53 8.21 -4.56 -15.64
C GLU A 53 8.46 -5.52 -14.37
C GLU A 53 8.59 -5.49 -14.47
N PRO A 54 8.17 -6.83 -14.50
N PRO A 54 8.43 -6.81 -14.64
CA PRO A 54 8.56 -7.79 -13.47
CA PRO A 54 8.77 -7.73 -13.59
C PRO A 54 10.11 -7.77 -13.23
C PRO A 54 10.23 -7.46 -13.24
N PHE A 55 10.48 -7.63 -11.96
CA PHE A 55 11.90 -7.45 -11.47
C PHE A 55 12.36 -8.63 -10.68
N ALA A 56 11.56 -9.11 -9.71
CA ALA A 56 11.93 -10.29 -8.98
C ALA A 56 10.70 -10.71 -8.18
N SER A 57 10.71 -11.98 -7.69
CA SER A 57 9.61 -12.45 -6.89
C SER A 57 10.05 -13.55 -5.97
N GLY A 58 9.28 -13.90 -4.98
CA GLY A 58 9.64 -15.00 -4.10
C GLY A 58 8.58 -15.20 -3.02
N LYS A 59 8.86 -16.03 -2.03
CA LYS A 59 7.95 -16.27 -0.97
C LYS A 59 8.71 -16.10 0.34
N THR A 60 8.01 -15.58 1.37
CA THR A 60 8.70 -15.41 2.70
C THR A 60 8.97 -16.79 3.30
N SER A 61 10.05 -16.86 4.06
CA SER A 61 10.47 -18.12 4.69
C SER A 61 9.73 -18.32 6.04
N GLU A 62 10.22 -19.31 6.78
CA GLU A 62 9.74 -19.61 8.17
CA GLU A 62 9.56 -19.55 8.11
C GLU A 62 9.88 -18.40 9.12
N SER A 63 10.87 -17.53 8.82
CA SER A 63 11.10 -16.33 9.63
C SER A 63 10.30 -15.14 9.15
N GLY A 64 9.47 -15.32 8.07
CA GLY A 64 8.73 -14.20 7.50
C GLY A 64 9.56 -13.32 6.67
N GLU A 65 10.77 -13.77 6.26
CA GLU A 65 11.67 -12.92 5.47
C GLU A 65 11.92 -13.47 4.09
N LEU A 66 12.19 -12.55 3.18
CA LEU A 66 12.50 -12.92 1.81
C LEU A 66 13.76 -12.17 1.47
N HIS A 67 14.82 -12.95 1.24
CA HIS A 67 16.14 -12.46 0.93
C HIS A 67 16.49 -12.97 -0.50
N GLY A 68 17.51 -12.41 -1.07
CA GLY A 68 18.02 -12.93 -2.34
C GLY A 68 17.28 -12.47 -3.53
N LEU A 69 16.41 -11.46 -3.40
CA LEU A 69 15.61 -10.99 -4.62
C LEU A 69 16.49 -10.39 -5.68
N THR A 70 17.57 -9.68 -5.33
CA THR A 70 18.37 -8.99 -6.36
C THR A 70 19.83 -8.84 -5.90
N THR A 71 20.62 -8.22 -6.70
CA THR A 71 22.08 -8.01 -6.46
C THR A 71 22.26 -6.55 -6.52
N GLU A 72 23.35 -6.06 -5.98
N GLU A 72 23.36 -6.07 -5.97
CA GLU A 72 23.69 -4.65 -6.12
CA GLU A 72 23.77 -4.67 -6.14
C GLU A 72 23.85 -4.26 -7.59
C GLU A 72 23.76 -4.30 -7.60
N GLU A 73 24.33 -5.15 -8.45
CA GLU A 73 24.48 -4.78 -9.89
C GLU A 73 23.12 -4.60 -10.55
N GLU A 74 22.16 -5.46 -10.31
N GLU A 74 22.16 -5.44 -10.25
CA GLU A 74 20.89 -5.40 -11.03
CA GLU A 74 20.91 -5.45 -10.99
C GLU A 74 19.97 -4.35 -10.44
C GLU A 74 19.91 -4.46 -10.39
N PHE A 75 20.13 -4.01 -9.13
CA PHE A 75 19.21 -3.13 -8.40
C PHE A 75 19.63 -1.68 -8.64
N VAL A 76 19.40 -1.18 -9.86
CA VAL A 76 19.86 0.16 -10.24
C VAL A 76 18.80 1.18 -9.75
N GLU A 77 19.10 2.44 -9.94
CA GLU A 77 18.10 3.46 -9.62
C GLU A 77 16.82 3.19 -10.34
N GLY A 78 15.68 3.58 -9.71
CA GLY A 78 14.41 3.44 -10.40
C GLY A 78 13.27 3.58 -9.45
N ILE A 79 12.08 3.44 -9.92
CA ILE A 79 10.88 3.37 -9.09
C ILE A 79 10.45 1.93 -9.02
N TYR A 80 10.34 1.38 -7.83
CA TYR A 80 10.06 -0.03 -7.65
C TYR A 80 8.74 -0.19 -6.96
N LYS A 81 8.05 -1.29 -7.18
CA LYS A 81 6.79 -1.60 -6.49
C LYS A 81 6.96 -2.99 -5.95
N VAL A 82 6.72 -3.15 -4.67
CA VAL A 82 6.73 -4.43 -3.96
C VAL A 82 5.30 -4.77 -3.67
N GLU A 83 4.76 -5.82 -4.23
N GLU A 83 4.73 -5.78 -4.31
CA GLU A 83 3.39 -6.27 -4.04
CA GLU A 83 3.37 -6.27 -4.02
C GLU A 83 3.40 -7.52 -3.17
C GLU A 83 3.56 -7.42 -3.08
N ILE A 84 2.76 -7.40 -1.99
CA ILE A 84 2.76 -8.48 -1.04
C ILE A 84 1.40 -9.09 -1.06
N ASP A 85 1.31 -10.39 -1.34
CA ASP A 85 -0.02 -11.00 -1.65
C ASP A 85 -0.72 -11.43 -0.38
N THR A 86 -1.24 -10.40 0.33
CA THR A 86 -1.82 -10.59 1.67
C THR A 86 -3.15 -11.27 1.58
N LYS A 87 -4.00 -11.05 0.52
N LYS A 87 -4.00 -11.02 0.55
CA LYS A 87 -5.33 -11.72 0.57
CA LYS A 87 -5.32 -11.70 0.55
C LYS A 87 -5.23 -13.31 0.69
C LYS A 87 -5.08 -13.25 0.40
N SER A 88 -4.41 -13.88 -0.21
N SER A 88 -4.07 -13.61 -0.36
CA SER A 88 -4.20 -15.30 -0.24
CA SER A 88 -3.82 -15.00 -0.50
C SER A 88 -3.62 -15.81 1.12
C SER A 88 -3.44 -15.72 0.85
N TYR A 89 -2.70 -15.02 1.67
CA TYR A 89 -2.22 -15.39 3.03
C TYR A 89 -3.44 -15.57 3.99
N TRP A 90 -4.30 -14.54 4.07
CA TRP A 90 -5.40 -14.66 5.05
C TRP A 90 -6.36 -15.72 4.67
N LYS A 91 -6.69 -15.84 3.38
N LYS A 91 -6.64 -15.90 3.38
N LYS A 91 -6.72 -15.83 3.39
CA LYS A 91 -7.69 -16.83 3.04
CA LYS A 91 -7.64 -16.89 2.95
CA LYS A 91 -7.74 -16.81 3.04
C LYS A 91 -7.26 -18.23 3.54
C LYS A 91 -7.26 -18.36 3.23
C LYS A 91 -7.27 -18.25 3.48
N ALA A 92 -5.95 -18.55 3.36
CA ALA A 92 -5.54 -19.86 3.78
C ALA A 92 -5.59 -20.13 5.31
N LEU A 93 -5.78 -19.10 6.06
CA LEU A 93 -6.02 -19.17 7.48
C LEU A 93 -7.49 -19.11 7.80
N GLY A 94 -8.36 -19.04 6.82
CA GLY A 94 -9.85 -19.04 7.03
C GLY A 94 -10.41 -17.64 7.18
N ILE A 95 -9.63 -16.63 6.81
CA ILE A 95 -10.02 -15.27 7.03
C ILE A 95 -10.29 -14.60 5.65
N SER A 96 -11.34 -13.81 5.54
N SER A 96 -11.37 -13.82 5.61
CA SER A 96 -11.65 -13.07 4.36
CA SER A 96 -11.71 -12.98 4.47
C SER A 96 -11.27 -11.61 4.65
C SER A 96 -11.23 -11.55 4.75
N PRO A 97 -10.09 -11.16 4.16
CA PRO A 97 -9.54 -9.87 4.51
C PRO A 97 -10.03 -8.77 3.59
N PHE A 98 -9.78 -7.54 3.98
CA PHE A 98 -10.26 -6.38 3.20
C PHE A 98 -9.38 -6.18 1.91
N HIS A 99 -8.08 -6.16 2.08
CA HIS A 99 -7.23 -5.74 0.96
C HIS A 99 -6.87 -6.90 -0.01
N GLU A 100 -6.65 -6.55 -1.28
CA GLU A 100 -6.17 -7.56 -2.21
C GLU A 100 -4.69 -7.87 -1.95
N HIS A 101 -3.91 -6.86 -1.75
N HIS A 101 -3.94 -6.84 -1.70
CA HIS A 101 -2.45 -7.04 -1.51
CA HIS A 101 -2.48 -6.90 -1.52
C HIS A 101 -1.98 -5.74 -0.94
C HIS A 101 -2.13 -5.80 -0.60
N ALA A 102 -0.82 -5.75 -0.27
CA ALA A 102 -0.23 -4.49 0.18
C ALA A 102 0.75 -4.13 -0.96
N GLU A 103 0.77 -2.88 -1.35
N GLU A 103 0.88 -2.84 -1.29
CA GLU A 103 1.72 -2.37 -2.35
CA GLU A 103 1.73 -2.37 -2.44
C GLU A 103 2.67 -1.42 -1.63
C GLU A 103 2.64 -1.18 -2.21
N VAL A 104 3.94 -1.47 -1.98
CA VAL A 104 4.88 -0.50 -1.46
C VAL A 104 5.62 0.08 -2.64
N VAL A 105 5.52 1.35 -2.95
CA VAL A 105 6.07 1.97 -4.14
C VAL A 105 7.05 3.01 -3.76
N PHE A 106 8.26 2.95 -4.26
CA PHE A 106 9.33 3.86 -3.76
C PHE A 106 10.41 4.06 -4.81
N THR A 107 11.11 5.16 -4.79
CA THR A 107 12.29 5.38 -5.60
C THR A 107 13.46 4.78 -4.86
N ALA A 108 14.30 4.03 -5.50
CA ALA A 108 15.47 3.40 -4.88
C ALA A 108 16.71 3.90 -5.54
N ASN A 109 17.80 4.03 -4.74
CA ASN A 109 19.21 4.22 -5.20
C ASN A 109 19.36 5.52 -5.98
N ASP A 110 18.53 6.53 -5.72
N ASP A 110 18.52 6.53 -5.67
CA ASP A 110 18.70 7.72 -6.48
CA ASP A 110 18.62 7.79 -6.33
C ASP A 110 19.85 8.60 -5.99
C ASP A 110 19.67 8.75 -5.82
N SER A 111 20.35 8.34 -4.78
CA SER A 111 21.57 9.07 -4.27
C SER A 111 22.66 8.02 -4.08
N GLY A 112 22.72 6.98 -4.95
CA GLY A 112 23.74 6.00 -4.83
C GLY A 112 23.09 4.77 -4.18
N PRO A 113 23.80 3.63 -4.08
CA PRO A 113 23.23 2.39 -3.61
C PRO A 113 22.85 2.52 -2.14
N ARG A 114 21.73 1.90 -1.79
CA ARG A 114 21.34 1.78 -0.35
C ARG A 114 20.87 0.37 -0.15
N ARG A 115 20.82 -0.05 1.12
N ARG A 115 20.74 -0.07 1.10
CA ARG A 115 20.17 -1.31 1.49
CA ARG A 115 20.11 -1.37 1.40
C ARG A 115 18.73 -0.94 1.91
C ARG A 115 18.77 -1.14 2.05
N TYR A 116 17.76 -1.77 1.51
CA TYR A 116 16.36 -1.48 1.91
C TYR A 116 15.76 -2.68 2.52
N THR A 117 15.16 -2.50 3.70
CA THR A 117 14.30 -3.54 4.31
C THR A 117 12.89 -3.02 4.28
N ILE A 118 11.98 -3.71 3.61
CA ILE A 118 10.57 -3.32 3.51
C ILE A 118 9.81 -4.30 4.40
N ALA A 119 9.23 -3.75 5.49
CA ALA A 119 8.48 -4.59 6.41
C ALA A 119 6.96 -4.35 6.26
N ALA A 120 6.18 -5.35 6.49
CA ALA A 120 4.71 -5.17 6.50
C ALA A 120 4.19 -5.90 7.68
N LEU A 121 3.26 -5.29 8.43
CA LEU A 121 2.61 -5.91 9.59
C LEU A 121 1.13 -6.08 9.22
N LEU A 122 0.60 -7.28 9.22
CA LEU A 122 -0.68 -7.54 8.60
C LEU A 122 -1.75 -7.85 9.63
N SER A 123 -2.90 -7.25 9.41
N SER A 123 -2.90 -7.26 9.36
CA SER A 123 -4.14 -7.72 10.11
CA SER A 123 -4.13 -7.60 10.06
C SER A 123 -5.25 -7.78 9.04
C SER A 123 -5.23 -7.84 8.97
N PRO A 124 -6.39 -8.43 9.33
CA PRO A 124 -7.35 -8.69 8.21
C PRO A 124 -7.84 -7.41 7.57
N TYR A 125 -8.05 -6.32 8.36
CA TYR A 125 -8.64 -5.14 7.78
C TYR A 125 -7.68 -3.93 7.87
N SER A 126 -6.36 -4.22 8.08
CA SER A 126 -5.38 -3.16 8.23
C SER A 126 -3.99 -3.69 7.96
N TYR A 127 -3.12 -2.85 7.45
CA TYR A 127 -1.70 -3.19 7.45
C TYR A 127 -0.85 -1.96 7.59
N SER A 128 0.38 -2.09 8.09
N SER A 128 0.34 -2.19 8.12
CA SER A 128 1.31 -0.99 8.00
CA SER A 128 1.28 -1.17 8.24
C SER A 128 2.51 -1.48 7.21
C SER A 128 2.49 -1.51 7.33
N THR A 129 3.14 -0.57 6.50
N THR A 129 3.32 -0.52 7.02
CA THR A 129 4.36 -0.83 5.81
CA THR A 129 4.58 -0.80 6.37
C THR A 129 5.39 0.21 6.12
C THR A 129 5.55 0.21 6.67
N THR A 130 6.61 -0.27 6.39
N THR A 130 6.82 -0.19 6.85
CA THR A 130 7.68 0.51 6.91
CA THR A 130 7.84 0.74 7.11
C THR A 130 8.97 0.24 6.05
C THR A 130 9.08 0.24 6.36
N ALA A 131 9.85 1.20 5.95
CA ALA A 131 11.15 0.89 5.36
C ALA A 131 12.26 1.35 6.26
N VAL A 132 13.29 0.49 6.34
CA VAL A 132 14.53 0.91 6.99
C VAL A 132 15.56 0.92 5.86
N VAL A 133 16.25 2.06 5.72
CA VAL A 133 17.19 2.26 4.62
C VAL A 133 18.53 2.54 5.25
N THR A 134 19.54 1.79 4.86
N THR A 134 19.52 1.79 4.82
CA THR A 134 20.88 2.04 5.40
CA THR A 134 20.89 1.88 5.31
C THR A 134 21.91 2.14 4.26
C THR A 134 21.85 2.28 4.17
N ASN A 135 22.98 2.87 4.54
CA ASN A 135 23.98 3.23 3.59
C ASN A 135 25.13 2.29 3.85
N PRO A 136 25.38 1.35 2.90
CA PRO A 136 26.52 0.39 2.99
C PRO A 136 27.90 1.14 3.09
N CYS B 21 -21.23 9.30 -0.05
CA CYS B 21 -21.32 8.44 1.17
C CYS B 21 -20.90 6.93 1.20
N PRO B 22 -20.76 6.17 0.06
CA PRO B 22 -20.37 4.82 0.36
C PRO B 22 -18.85 4.68 0.51
N LEU B 23 -18.10 5.70 0.11
CA LEU B 23 -16.63 5.62 0.17
C LEU B 23 -16.13 7.00 0.64
N MET B 24 -15.39 6.92 1.76
CA MET B 24 -14.75 8.07 2.41
CA MET B 24 -14.77 8.05 2.42
C MET B 24 -13.28 7.74 2.67
N VAL B 25 -12.42 8.76 2.57
CA VAL B 25 -10.97 8.62 2.85
C VAL B 25 -10.61 9.58 3.92
N LYS B 26 -9.84 9.15 4.91
CA LYS B 26 -9.38 10.02 5.99
C LYS B 26 -7.90 9.86 6.19
N VAL B 27 -7.16 10.96 6.26
CA VAL B 27 -5.72 10.86 6.29
C VAL B 27 -5.20 11.66 7.43
N LEU B 28 -4.30 11.07 8.25
CA LEU B 28 -3.69 11.73 9.44
C LEU B 28 -2.17 11.78 9.32
N ASP B 29 -1.58 12.78 9.89
CA ASP B 29 -0.14 13.02 9.87
C ASP B 29 0.37 12.66 11.26
N ALA B 30 1.17 11.59 11.34
CA ALA B 30 1.70 11.00 12.59
C ALA B 30 2.84 11.83 13.12
N VAL B 31 3.48 12.69 12.31
CA VAL B 31 4.61 13.53 12.73
C VAL B 31 4.04 14.75 13.50
N ARG B 32 3.01 15.36 12.94
CA ARG B 32 2.49 16.61 13.54
C ARG B 32 1.24 16.32 14.40
N GLY B 33 0.68 15.13 14.39
CA GLY B 33 -0.52 14.85 15.17
C GLY B 33 -1.72 15.64 14.70
N SER B 34 -1.92 15.70 13.40
CA SER B 34 -2.94 16.55 12.81
C SER B 34 -3.57 15.82 11.64
N PRO B 35 -4.76 16.29 11.21
CA PRO B 35 -5.25 15.77 9.89
C PRO B 35 -4.20 16.11 8.81
N ALA B 36 -4.13 15.32 7.78
CA ALA B 36 -3.25 15.67 6.66
C ALA B 36 -4.12 16.35 5.62
N ILE B 37 -3.86 17.66 5.46
N ILE B 37 -3.91 17.67 5.48
CA ILE B 37 -4.69 18.60 4.71
CA ILE B 37 -4.78 18.50 4.66
C ILE B 37 -4.18 18.71 3.28
C ILE B 37 -4.20 18.69 3.27
N ASN B 38 -5.11 18.83 2.31
CA ASN B 38 -4.72 19.14 0.89
CA ASN B 38 -4.73 19.07 0.88
C ASN B 38 -3.88 17.93 0.31
N VAL B 39 -4.17 16.74 0.74
CA VAL B 39 -3.49 15.52 0.10
C VAL B 39 -4.38 15.10 -1.09
N ALA B 40 -3.72 14.98 -2.23
CA ALA B 40 -4.48 14.49 -3.43
C ALA B 40 -4.73 12.97 -3.25
N VAL B 41 -5.93 12.54 -3.65
CA VAL B 41 -6.39 11.15 -3.56
C VAL B 41 -7.01 10.82 -4.89
N HIS B 42 -6.54 9.72 -5.54
CA HIS B 42 -7.13 9.24 -6.81
C HIS B 42 -7.64 7.89 -6.60
N VAL B 43 -8.85 7.65 -7.03
CA VAL B 43 -9.54 6.32 -6.97
C VAL B 43 -9.61 5.80 -8.40
N PHE B 44 -9.37 4.52 -8.57
CA PHE B 44 -9.47 3.80 -9.82
C PHE B 44 -10.28 2.60 -9.64
N ARG B 45 -10.92 2.18 -10.75
CA ARG B 45 -11.67 0.87 -10.81
CA ARG B 45 -11.57 0.90 -10.74
C ARG B 45 -10.92 -0.04 -11.80
N LYS B 46 -10.81 -1.29 -11.43
CA LYS B 46 -10.09 -2.29 -12.33
C LYS B 46 -11.09 -2.66 -13.49
N ALA B 47 -10.66 -2.43 -14.74
CA ALA B 47 -11.49 -2.70 -15.95
C ALA B 47 -11.37 -4.16 -16.33
N ALA B 48 -12.21 -4.65 -17.26
CA ALA B 48 -12.21 -6.06 -17.64
C ALA B 48 -10.93 -6.41 -18.31
N ASP B 49 -10.19 -5.49 -18.94
CA ASP B 49 -8.83 -5.81 -19.46
C ASP B 49 -7.66 -5.67 -18.46
N ASP B 50 -7.99 -5.53 -17.17
CA ASP B 50 -7.02 -5.43 -16.09
C ASP B 50 -6.32 -4.10 -15.91
N THR B 51 -6.71 -3.08 -16.65
CA THR B 51 -6.07 -1.76 -16.47
C THR B 51 -6.85 -1.03 -15.38
N TRP B 52 -6.25 0.06 -14.91
CA TRP B 52 -6.94 0.83 -13.84
C TRP B 52 -7.59 1.99 -14.51
N GLU B 53 -8.90 2.11 -14.32
N GLU B 53 -8.91 2.10 -14.44
CA GLU B 53 -9.69 3.17 -14.99
CA GLU B 53 -9.57 3.29 -15.09
C GLU B 53 -9.90 4.32 -13.91
C GLU B 53 -9.88 4.32 -13.98
N PRO B 54 -9.54 5.57 -14.22
CA PRO B 54 -9.90 6.66 -13.26
C PRO B 54 -11.33 6.60 -12.91
N PHE B 55 -11.62 6.83 -11.64
CA PHE B 55 -12.97 6.64 -11.06
C PHE B 55 -13.39 7.91 -10.36
N ALA B 56 -12.55 8.45 -9.50
CA ALA B 56 -12.86 9.63 -8.65
C ALA B 56 -11.63 10.23 -8.10
N SER B 57 -11.64 11.50 -7.76
CA SER B 57 -10.51 12.06 -7.08
C SER B 57 -10.84 13.28 -6.34
N GLY B 58 -9.98 13.78 -5.46
CA GLY B 58 -10.18 15.01 -4.75
C GLY B 58 -8.98 15.26 -3.88
N LYS B 59 -9.05 16.28 -3.06
CA LYS B 59 -8.01 16.61 -2.07
C LYS B 59 -8.59 16.53 -0.68
N THR B 60 -7.85 16.08 0.31
CA THR B 60 -8.45 16.05 1.68
C THR B 60 -8.68 17.51 2.16
N SER B 61 -9.74 17.59 2.96
CA SER B 61 -10.17 18.89 3.54
C SER B 61 -9.29 19.25 4.74
N GLU B 62 -9.67 20.39 5.40
CA GLU B 62 -9.02 20.78 6.63
CA GLU B 62 -9.06 20.78 6.65
C GLU B 62 -9.16 19.74 7.75
N SER B 63 -10.11 18.81 7.69
CA SER B 63 -10.17 17.79 8.69
C SER B 63 -9.54 16.48 8.22
N GLY B 64 -8.80 16.52 7.06
CA GLY B 64 -8.10 15.34 6.61
C GLY B 64 -9.04 14.39 5.88
N GLU B 65 -10.26 14.83 5.52
CA GLU B 65 -11.24 13.90 5.02
C GLU B 65 -11.62 14.23 3.52
N LEU B 66 -12.02 13.22 2.85
CA LEU B 66 -12.51 13.43 1.51
C LEU B 66 -13.76 12.64 1.38
N HIS B 67 -14.84 13.38 1.18
CA HIS B 67 -16.18 12.87 1.08
C HIS B 67 -16.64 13.13 -0.34
N GLY B 68 -17.70 12.51 -0.71
CA GLY B 68 -18.31 12.91 -2.00
C GLY B 68 -17.64 12.31 -3.21
N LEU B 69 -16.82 11.26 -3.04
CA LEU B 69 -16.11 10.62 -4.16
C LEU B 69 -17.04 9.92 -5.14
N THR B 70 -18.04 9.20 -4.62
CA THR B 70 -18.92 8.47 -5.50
C THR B 70 -20.33 8.40 -4.89
N THR B 71 -21.21 7.63 -5.53
CA THR B 71 -22.55 7.49 -5.08
C THR B 71 -22.83 6.02 -4.93
N GLU B 72 -23.86 5.66 -4.19
N GLU B 72 -23.87 5.69 -4.21
CA GLU B 72 -24.26 4.24 -4.12
CA GLU B 72 -24.29 4.29 -4.16
C GLU B 72 -24.51 3.66 -5.48
C GLU B 72 -24.56 3.68 -5.53
N GLU B 73 -25.20 4.40 -6.36
N GLU B 73 -25.17 4.43 -6.49
CA GLU B 73 -25.49 3.92 -7.66
CA GLU B 73 -25.52 3.80 -7.72
C GLU B 73 -24.20 3.54 -8.38
C GLU B 73 -24.28 3.35 -8.49
N GLU B 74 -23.21 4.45 -8.33
N GLU B 74 -23.22 4.20 -8.49
CA GLU B 74 -21.98 4.29 -9.14
CA GLU B 74 -22.05 3.90 -9.32
C GLU B 74 -20.97 3.28 -8.60
C GLU B 74 -21.04 3.00 -8.63
N PHE B 75 -21.01 2.99 -7.29
CA PHE B 75 -19.98 2.21 -6.59
C PHE B 75 -20.41 0.78 -6.50
N VAL B 76 -20.37 0.11 -7.66
CA VAL B 76 -20.80 -1.30 -7.77
C VAL B 76 -19.66 -2.22 -7.34
N GLU B 77 -19.98 -3.49 -7.23
CA GLU B 77 -18.98 -4.46 -6.83
C GLU B 77 -17.82 -4.45 -7.87
N GLY B 78 -16.62 -4.66 -7.37
CA GLY B 78 -15.44 -4.65 -8.26
C GLY B 78 -14.19 -4.39 -7.49
N ILE B 79 -13.08 -4.37 -8.17
CA ILE B 79 -11.81 -4.09 -7.49
C ILE B 79 -11.48 -2.61 -7.66
N TYR B 80 -11.13 -1.91 -6.55
CA TYR B 80 -10.76 -0.50 -6.60
C TYR B 80 -9.42 -0.29 -6.03
N LYS B 81 -8.76 0.79 -6.46
CA LYS B 81 -7.50 1.21 -5.88
CA LYS B 81 -7.47 1.20 -5.91
C LYS B 81 -7.62 2.61 -5.44
N VAL B 82 -7.19 2.94 -4.21
CA VAL B 82 -7.15 4.28 -3.77
C VAL B 82 -5.70 4.67 -3.66
N GLU B 83 -5.24 5.71 -4.36
N GLU B 83 -5.22 5.66 -4.42
CA GLU B 83 -3.85 6.16 -4.36
CA GLU B 83 -3.86 6.12 -4.28
C GLU B 83 -3.73 7.50 -3.64
C GLU B 83 -3.93 7.39 -3.48
N ILE B 84 -3.05 7.51 -2.48
CA ILE B 84 -2.94 8.71 -1.67
C ILE B 84 -1.61 9.37 -2.00
N ASP B 85 -1.50 10.60 -2.39
N ASP B 85 -1.55 10.61 -2.49
CA ASP B 85 -0.26 11.17 -2.92
CA ASP B 85 -0.28 11.28 -2.89
C ASP B 85 0.60 11.72 -1.76
C ASP B 85 0.52 11.72 -1.66
N THR B 86 1.19 10.75 -0.99
CA THR B 86 1.93 11.07 0.22
C THR B 86 3.20 11.76 -0.04
N LYS B 87 3.87 11.47 -1.19
CA LYS B 87 5.20 12.12 -1.39
C LYS B 87 5.05 13.62 -1.53
N SER B 88 4.05 14.09 -2.32
CA SER B 88 3.88 15.52 -2.48
C SER B 88 3.53 16.21 -1.13
N TYR B 89 2.80 15.51 -0.26
CA TYR B 89 2.44 16.06 1.09
C TYR B 89 3.71 16.31 1.88
N TRP B 90 4.61 15.27 1.97
CA TRP B 90 5.85 15.46 2.70
C TRP B 90 6.77 16.46 2.07
N LYS B 91 6.83 16.50 0.72
CA LYS B 91 7.75 17.45 0.12
C LYS B 91 7.33 18.89 0.45
N ALA B 92 6.01 19.14 0.50
CA ALA B 92 5.55 20.46 0.77
C ALA B 92 6.01 20.87 2.18
N LEU B 93 6.17 19.88 3.06
CA LEU B 93 6.59 20.14 4.43
C LEU B 93 8.09 20.17 4.58
N GLY B 94 8.83 19.90 3.48
CA GLY B 94 10.28 19.90 3.55
C GLY B 94 10.83 18.64 4.17
N ILE B 95 10.07 17.54 4.17
CA ILE B 95 10.46 16.34 4.86
C ILE B 95 10.67 15.29 3.77
N SER B 96 11.80 14.60 3.83
N SER B 96 11.81 14.65 3.74
CA SER B 96 12.12 13.53 2.89
CA SER B 96 12.09 13.77 2.59
C SER B 96 11.26 12.28 3.11
C SER B 96 11.49 12.35 2.89
N PRO B 97 10.53 11.85 2.09
CA PRO B 97 9.75 10.69 2.35
C PRO B 97 10.26 9.43 1.65
N PHE B 98 9.82 8.26 2.07
CA PHE B 98 10.18 7.02 1.43
C PHE B 98 9.25 6.71 0.21
N HIS B 99 7.95 6.72 0.36
N HIS B 99 7.96 6.70 0.38
CA HIS B 99 7.08 6.11 -0.62
CA HIS B 99 7.05 6.13 -0.61
C HIS B 99 6.68 7.16 -1.63
C HIS B 99 6.75 7.19 -1.66
N GLU B 100 6.43 6.69 -2.85
CA GLU B 100 5.86 7.59 -3.89
C GLU B 100 4.41 7.92 -3.54
N HIS B 101 3.63 6.92 -3.13
N HIS B 101 3.67 6.99 -3.01
CA HIS B 101 2.22 7.03 -2.83
CA HIS B 101 2.30 7.18 -2.67
C HIS B 101 1.95 6.06 -1.72
C HIS B 101 1.85 5.99 -1.92
N ALA B 102 0.75 6.11 -1.15
CA ALA B 102 0.25 4.96 -0.50
C ALA B 102 -0.85 4.41 -1.37
N GLU B 103 -0.94 3.09 -1.49
N GLU B 103 -1.02 3.11 -1.48
CA GLU B 103 -1.90 2.41 -2.31
CA GLU B 103 -1.98 2.58 -2.41
C GLU B 103 -2.80 1.54 -1.46
C GLU B 103 -2.77 1.38 -1.86
N VAL B 104 -4.10 1.55 -1.74
CA VAL B 104 -5.04 0.70 -0.98
C VAL B 104 -5.88 -0.01 -2.02
N VAL B 105 -5.81 -1.32 -2.13
CA VAL B 105 -6.46 -2.08 -3.22
C VAL B 105 -7.39 -3.05 -2.55
N PHE B 106 -8.65 -3.05 -2.95
CA PHE B 106 -9.68 -3.89 -2.29
C PHE B 106 -10.83 -4.19 -3.20
N THR B 107 -11.63 -5.21 -2.86
CA THR B 107 -12.84 -5.52 -3.59
C THR B 107 -14.00 -4.94 -2.84
N ALA B 108 -14.85 -4.19 -3.53
CA ALA B 108 -16.10 -3.73 -2.91
C ALA B 108 -17.13 -4.80 -3.01
N ASN B 109 -17.82 -5.11 -1.88
CA ASN B 109 -18.74 -6.32 -1.69
C ASN B 109 -20.08 -5.74 -1.28
N ASP B 110 -21.16 -6.16 -1.91
CA ASP B 110 -22.59 -5.67 -1.56
C ASP B 110 -23.07 -6.33 -0.30
N SER B 111 -22.65 -7.59 -0.05
CA SER B 111 -23.06 -8.26 1.18
C SER B 111 -22.78 -7.56 2.51
N GLY B 112 -21.63 -6.93 2.62
CA GLY B 112 -21.23 -6.49 3.97
C GLY B 112 -21.81 -5.12 4.36
N PRO B 113 -21.28 -4.51 5.47
CA PRO B 113 -21.74 -3.11 5.75
C PRO B 113 -21.55 -2.07 4.53
N ARG B 114 -22.43 -1.06 4.51
N ARG B 114 -22.34 -1.00 4.50
CA ARG B 114 -22.61 -0.17 3.35
CA ARG B 114 -22.49 -0.30 3.25
C ARG B 114 -21.48 0.87 3.20
C ARG B 114 -21.56 0.88 3.13
N ARG B 115 -20.87 1.35 4.29
N ARG B 115 -20.81 1.21 4.20
CA ARG B 115 -19.97 2.46 4.06
CA ARG B 115 -19.99 2.39 4.08
C ARG B 115 -18.54 1.94 4.26
C ARG B 115 -18.53 1.92 4.25
N TYR B 116 -17.62 2.38 3.42
CA TYR B 116 -16.26 2.02 3.55
C TYR B 116 -15.54 3.32 3.87
N THR B 117 -14.78 3.34 4.97
CA THR B 117 -13.91 4.50 5.24
C THR B 117 -12.50 3.91 5.17
N ILE B 118 -11.67 4.54 4.33
CA ILE B 118 -10.25 4.14 4.18
C ILE B 118 -9.49 5.15 4.95
N ALA B 119 -8.83 4.71 6.05
CA ALA B 119 -8.05 5.64 6.85
C ALA B 119 -6.57 5.39 6.54
N ALA B 120 -5.78 6.43 6.62
CA ALA B 120 -4.36 6.26 6.44
C ALA B 120 -3.66 7.12 7.46
N LEU B 121 -2.65 6.58 8.13
CA LEU B 121 -1.84 7.25 9.09
C LEU B 121 -0.45 7.36 8.51
N LEU B 122 0.06 8.58 8.31
CA LEU B 122 1.29 8.81 7.56
C LEU B 122 2.48 9.22 8.40
N SER B 123 3.62 8.57 8.10
N SER B 123 3.60 8.54 8.13
CA SER B 123 4.94 9.02 8.58
CA SER B 123 4.93 8.94 8.60
C SER B 123 5.86 9.02 7.38
C SER B 123 5.85 8.99 7.38
N PRO B 124 7.00 9.70 7.45
CA PRO B 124 7.85 9.81 6.24
C PRO B 124 8.29 8.45 5.74
N TYR B 125 8.63 7.48 6.62
N TYR B 125 8.66 7.47 6.61
CA TYR B 125 9.13 6.15 6.22
CA TYR B 125 9.15 6.12 6.18
C TYR B 125 8.21 5.03 6.58
C TYR B 125 8.18 5.02 6.48
N SER B 126 6.91 5.34 6.86
CA SER B 126 6.00 4.29 7.20
CA SER B 126 5.97 4.27 7.13
C SER B 126 4.57 4.80 6.99
N TYR B 127 3.65 3.92 6.57
N TYR B 127 3.63 3.93 6.69
CA TYR B 127 2.21 4.24 6.56
CA TYR B 127 2.24 4.32 6.89
C TYR B 127 1.33 3.09 6.96
C TYR B 127 1.44 3.14 7.23
N SER B 128 0.22 3.44 7.61
N SER B 128 0.26 3.36 7.84
CA SER B 128 -0.69 2.42 8.09
CA SER B 128 -0.68 2.23 8.07
C SER B 128 -2.04 2.67 7.42
C SER B 128 -1.96 2.65 7.30
N THR B 129 -2.73 1.65 6.96
CA THR B 129 -4.02 1.90 6.38
C THR B 129 -4.96 0.92 6.94
N THR B 130 -6.18 1.38 7.24
CA THR B 130 -7.21 0.54 7.82
C THR B 130 -8.51 0.80 7.13
N ALA B 131 -9.33 -0.22 7.03
CA ALA B 131 -10.64 -0.05 6.44
C ALA B 131 -11.64 -0.24 7.57
N VAL B 132 -12.53 0.77 7.70
CA VAL B 132 -13.63 0.67 8.67
C VAL B 132 -14.86 0.50 7.86
N VAL B 133 -15.53 -0.62 7.99
CA VAL B 133 -16.66 -0.91 7.14
C VAL B 133 -17.87 -0.98 8.02
N THR B 134 -18.87 -0.05 7.86
CA THR B 134 -20.00 0.06 8.85
C THR B 134 -21.30 0.27 8.14
N ASN B 135 -22.41 0.13 8.92
CA ASN B 135 -23.78 0.50 8.47
C ASN B 135 -24.26 1.81 9.13
N PRO B 136 -24.99 2.67 8.40
CA PRO B 136 -25.59 3.90 9.01
C PRO B 136 -26.60 3.60 10.13
#